data_2AYT
#
_entry.id   2AYT
#
_cell.length_a   161.1
_cell.length_b   161.1
_cell.length_c   153.1
_cell.angle_alpha   90.00
_cell.angle_beta   90.00
_cell.angle_gamma   120.00
#
_symmetry.space_group_name_H-M   'H 3 2'
#
loop_
_entity.id
_entity.type
_entity.pdbx_description
1 polymer 'glutaredoxin-like protein'
2 non-polymer 'SULFATE ION'
3 non-polymer GLYCEROL
4 water water
#
_entity_poly.entity_id   1
_entity_poly.type   'polypeptide(L)'
_entity_poly.pdbx_seq_one_letter_code
;MLLNLDVRMQLKELAQKEFKEPVSIKLFSQAIGCESCQTAEELLKETVEVIGEAVGQDKIKLDIYSPFTHKEETEKYGVD
RVPTIVIEGDKDYGIRYIGLPAGLEFTTLINGIFHVSQRKPQLSEKTLELLQVVDIPIEIWVFVTTSCGYCPSAAVMAWD
FALANDYITSKVIDASENQDLAEQFQVVGVPKIVINKGVAEFVGAQPENAFLGYIMAVYEKLKREKEQALEHHHHHH
;
_entity_poly.pdbx_strand_id   A,B
#
loop_
_chem_comp.id
_chem_comp.type
_chem_comp.name
_chem_comp.formula
GOL non-polymer GLYCEROL 'C3 H8 O3'
SO4 non-polymer 'SULFATE ION' 'O4 S -2'
#
# COMPACT_ATOMS: atom_id res chain seq x y z
N MET A 1 -10.24 18.41 35.84
CA MET A 1 -10.64 18.65 34.42
C MET A 1 -9.57 18.10 33.51
N LEU A 2 -9.97 17.58 32.34
CA LEU A 2 -9.00 17.06 31.39
C LEU A 2 -8.47 18.25 30.61
N LEU A 3 -9.25 19.32 30.58
CA LEU A 3 -8.88 20.54 29.87
C LEU A 3 -8.70 21.67 30.88
N ASN A 4 -7.46 22.09 31.09
CA ASN A 4 -7.20 23.16 32.05
C ASN A 4 -7.61 24.51 31.48
N LEU A 5 -7.66 25.51 32.33
CA LEU A 5 -8.06 26.86 31.94
C LEU A 5 -7.32 27.38 30.73
N ASP A 6 -6.05 27.03 30.64
CA ASP A 6 -5.22 27.47 29.54
C ASP A 6 -5.66 26.84 28.22
N VAL A 7 -5.90 25.53 28.25
CA VAL A 7 -6.32 24.83 27.05
C VAL A 7 -7.74 25.24 26.68
N ARG A 8 -8.56 25.52 27.69
CA ARG A 8 -9.93 25.94 27.43
C ARG A 8 -9.91 27.29 26.77
N MET A 9 -9.11 28.20 27.32
CA MET A 9 -8.99 29.54 26.77
C MET A 9 -8.57 29.42 25.31
N GLN A 10 -7.63 28.52 25.05
CA GLN A 10 -7.11 28.30 23.71
C GLN A 10 -8.15 27.70 22.77
N LEU A 11 -8.82 26.65 23.22
CA LEU A 11 -9.84 26.00 22.41
C LEU A 11 -10.98 26.97 22.13
N LYS A 12 -11.29 27.81 23.12
CA LYS A 12 -12.36 28.78 22.99
C LYS A 12 -12.03 29.76 21.87
N GLU A 13 -10.81 30.28 21.85
CA GLU A 13 -10.39 31.21 20.83
C GLU A 13 -10.38 30.52 19.47
N LEU A 14 -9.82 29.32 19.46
CA LEU A 14 -9.71 28.50 18.26
C LEU A 14 -11.09 28.30 17.63
N ALA A 15 -12.06 27.92 18.46
CA ALA A 15 -13.42 27.68 18.00
C ALA A 15 -14.04 28.94 17.42
N GLN A 16 -13.95 30.03 18.15
CA GLN A 16 -14.51 31.30 17.69
C GLN A 16 -13.98 31.75 16.34
N LYS A 17 -12.74 31.40 16.03
CA LYS A 17 -12.15 31.78 14.76
C LYS A 17 -12.35 30.75 13.66
N GLU A 18 -12.29 29.47 14.04
CA GLU A 18 -12.42 28.36 13.10
C GLU A 18 -13.79 27.78 12.86
N PHE A 19 -14.59 27.71 13.93
CA PHE A 19 -15.91 27.12 13.83
C PHE A 19 -16.85 27.83 12.88
N LYS A 20 -17.69 27.04 12.23
CA LYS A 20 -18.67 27.57 11.29
C LYS A 20 -20.00 26.84 11.42
N GLU A 21 -20.20 25.79 10.64
CA GLU A 21 -21.45 25.03 10.67
C GLU A 21 -21.54 24.11 11.88
N PRO A 22 -22.77 23.80 12.32
CA PRO A 22 -23.02 22.93 13.47
C PRO A 22 -22.35 21.57 13.31
N VAL A 23 -21.91 20.99 14.42
CA VAL A 23 -21.26 19.70 14.34
C VAL A 23 -21.92 18.72 15.29
N SER A 24 -22.02 17.48 14.85
CA SER A 24 -22.60 16.44 15.66
C SER A 24 -21.50 15.43 16.00
N ILE A 25 -21.40 15.10 17.29
CA ILE A 25 -20.40 14.14 17.74
C ILE A 25 -21.10 12.98 18.42
N LYS A 26 -20.87 11.78 17.93
CA LYS A 26 -21.50 10.62 18.52
C LYS A 26 -20.47 9.63 19.03
N LEU A 27 -20.47 9.46 20.35
CA LEU A 27 -19.56 8.56 21.02
C LEU A 27 -20.26 7.28 21.39
N PHE A 28 -19.72 6.15 20.93
CA PHE A 28 -20.27 4.85 21.27
C PHE A 28 -19.37 4.35 22.40
N SER A 29 -19.95 4.18 23.58
CA SER A 29 -19.18 3.77 24.74
C SER A 29 -19.87 2.73 25.63
N GLN A 30 -19.08 2.00 26.41
CA GLN A 30 -19.64 1.00 27.32
C GLN A 30 -18.91 1.02 28.65
N ALA A 31 -19.69 0.95 29.73
CA ALA A 31 -19.14 1.01 31.08
C ALA A 31 -18.13 -0.06 31.46
N ILE A 32 -18.38 -1.30 31.07
CA ILE A 32 -17.49 -2.40 31.42
C ILE A 32 -16.80 -3.04 30.22
N GLY A 33 -15.53 -3.38 30.39
CA GLY A 33 -14.78 -4.01 29.30
C GLY A 33 -14.14 -3.04 28.31
N CYS A 34 -14.06 -1.77 28.68
CA CYS A 34 -13.45 -0.76 27.83
C CYS A 34 -12.68 0.21 28.72
N GLU A 35 -11.36 0.08 28.71
CA GLU A 35 -10.50 0.90 29.56
C GLU A 35 -10.52 2.41 29.31
N SER A 36 -10.50 2.83 28.06
CA SER A 36 -10.47 4.25 27.74
C SER A 36 -11.81 4.95 27.61
N CYS A 37 -12.90 4.19 27.63
CA CYS A 37 -14.25 4.74 27.49
C CYS A 37 -14.61 5.87 28.44
N GLN A 38 -14.41 5.65 29.74
CA GLN A 38 -14.75 6.67 30.71
C GLN A 38 -14.00 7.97 30.42
N THR A 39 -12.73 7.84 30.07
CA THR A 39 -11.94 9.04 29.78
C THR A 39 -12.44 9.68 28.49
N ALA A 40 -12.88 8.86 27.55
CA ALA A 40 -13.39 9.39 26.28
C ALA A 40 -14.67 10.18 26.53
N GLU A 41 -15.53 9.62 27.37
CA GLU A 41 -16.77 10.30 27.69
C GLU A 41 -16.43 11.65 28.31
N GLU A 42 -15.49 11.65 29.25
CA GLU A 42 -15.06 12.87 29.91
C GLU A 42 -14.45 13.89 28.97
N LEU A 43 -13.51 13.45 28.14
CA LEU A 43 -12.84 14.34 27.20
C LEU A 43 -13.82 14.97 26.22
N LEU A 44 -14.72 14.17 25.66
CA LEU A 44 -15.68 14.70 24.70
C LEU A 44 -16.66 15.67 25.34
N LYS A 45 -17.13 15.38 26.54
CA LYS A 45 -18.06 16.30 27.21
C LYS A 45 -17.41 17.65 27.44
N GLU A 46 -16.18 17.64 27.95
CA GLU A 46 -15.46 18.88 28.22
C GLU A 46 -15.19 19.64 26.93
N THR A 47 -14.86 18.90 25.88
CA THR A 47 -14.57 19.50 24.60
C THR A 47 -15.82 20.14 24.04
N VAL A 48 -16.93 19.41 24.12
CA VAL A 48 -18.19 19.92 23.61
C VAL A 48 -18.69 21.09 24.42
N GLU A 49 -18.56 21.03 25.75
CA GLU A 49 -19.03 22.15 26.55
C GLU A 49 -18.18 23.38 26.29
N VAL A 50 -16.86 23.19 26.18
CA VAL A 50 -15.97 24.32 25.93
C VAL A 50 -16.31 24.96 24.58
N ILE A 51 -16.42 24.15 23.54
CA ILE A 51 -16.73 24.66 22.23
C ILE A 51 -18.15 25.21 22.20
N GLY A 52 -19.07 24.51 22.85
CA GLY A 52 -20.44 24.98 22.89
C GLY A 52 -20.56 26.35 23.54
N GLU A 53 -19.81 26.57 24.60
CA GLU A 53 -19.83 27.84 25.30
C GLU A 53 -19.20 28.94 24.45
N ALA A 54 -18.23 28.56 23.64
CA ALA A 54 -17.53 29.52 22.80
C ALA A 54 -18.33 30.01 21.60
N VAL A 55 -19.00 29.09 20.91
CA VAL A 55 -19.75 29.46 19.71
C VAL A 55 -21.25 29.24 19.80
N GLY A 56 -21.72 28.63 20.89
CA GLY A 56 -23.14 28.39 21.04
C GLY A 56 -23.48 26.92 21.24
N GLN A 57 -24.25 26.67 22.29
CA GLN A 57 -24.72 25.34 22.67
C GLN A 57 -25.38 24.58 21.53
N ASP A 58 -25.94 25.32 20.59
CA ASP A 58 -26.64 24.74 19.45
C ASP A 58 -25.74 24.42 18.24
N LYS A 59 -24.48 24.89 18.28
CA LYS A 59 -23.54 24.65 17.20
C LYS A 59 -22.87 23.28 17.30
N ILE A 60 -22.90 22.67 18.47
CA ILE A 60 -22.26 21.38 18.64
C ILE A 60 -22.95 20.53 19.72
N LYS A 61 -23.18 19.27 19.42
CA LYS A 61 -23.83 18.37 20.37
C LYS A 61 -23.18 16.99 20.41
N LEU A 62 -23.17 16.41 21.60
CA LEU A 62 -22.58 15.10 21.82
C LEU A 62 -23.62 14.06 22.22
N ASP A 63 -23.67 12.97 21.49
CA ASP A 63 -24.58 11.89 21.81
C ASP A 63 -23.71 10.71 22.22
N ILE A 64 -24.04 10.09 23.34
CA ILE A 64 -23.29 8.94 23.81
C ILE A 64 -24.23 7.73 23.76
N TYR A 65 -23.83 6.72 23.01
CA TYR A 65 -24.61 5.52 22.84
C TYR A 65 -23.89 4.31 23.40
N SER A 66 -24.67 3.27 23.70
CA SER A 66 -24.13 2.01 24.20
C SER A 66 -24.58 0.98 23.18
N PRO A 67 -23.62 0.30 22.54
CA PRO A 67 -23.97 -0.70 21.54
C PRO A 67 -25.05 -1.68 21.99
N PHE A 68 -25.09 -1.99 23.27
CA PHE A 68 -26.08 -2.93 23.78
C PHE A 68 -27.48 -2.36 23.75
N THR A 69 -27.59 -1.06 24.00
CA THR A 69 -28.87 -0.39 24.02
C THR A 69 -29.24 0.25 22.70
N HIS A 70 -28.27 0.92 22.09
CA HIS A 70 -28.53 1.60 20.83
C HIS A 70 -28.09 0.79 19.62
N LYS A 71 -28.73 -0.36 19.45
CA LYS A 71 -28.43 -1.27 18.35
C LYS A 71 -28.56 -0.56 17.00
N GLU A 72 -29.62 0.24 16.86
CA GLU A 72 -29.87 0.96 15.62
C GLU A 72 -28.72 1.92 15.28
N GLU A 73 -28.34 2.76 16.24
CA GLU A 73 -27.25 3.72 16.03
C GLU A 73 -25.94 2.99 15.77
N THR A 74 -25.69 1.93 16.54
CA THR A 74 -24.48 1.15 16.41
C THR A 74 -24.34 0.54 15.03
N GLU A 75 -25.44 -0.03 14.54
CA GLU A 75 -25.48 -0.64 13.22
C GLU A 75 -25.31 0.41 12.14
N LYS A 76 -25.99 1.53 12.28
CA LYS A 76 -25.92 2.61 11.29
C LYS A 76 -24.50 3.11 11.05
N TYR A 77 -23.73 3.25 12.12
CA TYR A 77 -22.38 3.75 11.99
C TYR A 77 -21.32 2.67 11.94
N GLY A 78 -21.75 1.42 11.80
CA GLY A 78 -20.83 0.31 11.73
C GLY A 78 -19.90 0.21 12.93
N VAL A 79 -20.45 0.48 14.09
CA VAL A 79 -19.63 0.42 15.31
C VAL A 79 -19.57 -1.01 15.83
N ASP A 80 -18.36 -1.50 16.08
CA ASP A 80 -18.18 -2.84 16.62
C ASP A 80 -17.18 -2.79 17.77
N ARG A 81 -16.48 -1.67 17.89
CA ARG A 81 -15.50 -1.46 18.95
C ARG A 81 -15.80 -0.17 19.69
N VAL A 82 -15.28 -0.06 20.91
CA VAL A 82 -15.46 1.13 21.72
C VAL A 82 -14.12 1.50 22.33
N PRO A 83 -13.89 2.80 22.55
CA PRO A 83 -14.90 3.80 22.20
C PRO A 83 -14.74 4.18 20.72
N THR A 84 -15.87 4.43 20.04
CA THR A 84 -15.82 4.86 18.65
C THR A 84 -16.45 6.25 18.63
N ILE A 85 -15.74 7.20 18.03
CA ILE A 85 -16.21 8.56 17.94
C ILE A 85 -16.57 8.89 16.51
N VAL A 86 -17.76 9.45 16.31
CA VAL A 86 -18.22 9.86 14.99
C VAL A 86 -18.27 11.38 14.98
N ILE A 87 -17.71 11.98 13.94
CA ILE A 87 -17.76 13.43 13.82
C ILE A 87 -18.51 13.62 12.50
N GLU A 88 -19.62 14.33 12.55
CA GLU A 88 -20.42 14.55 11.35
C GLU A 88 -21.20 15.86 11.40
N GLY A 89 -21.88 16.17 10.29
CA GLY A 89 -22.69 17.37 10.23
C GLY A 89 -24.11 16.96 9.88
N ASP A 90 -24.58 17.41 8.71
CA ASP A 90 -25.90 17.10 8.18
C ASP A 90 -25.86 15.67 7.69
N LYS A 91 -24.68 15.25 7.28
CA LYS A 91 -24.47 13.91 6.76
C LYS A 91 -23.30 13.25 7.45
N ASP A 92 -23.23 11.93 7.30
CA ASP A 92 -22.17 11.15 7.88
C ASP A 92 -21.09 11.07 6.81
N TYR A 93 -19.91 11.63 7.08
CA TYR A 93 -18.82 11.60 6.10
C TYR A 93 -17.94 10.38 6.26
N GLY A 94 -18.32 9.49 7.17
CA GLY A 94 -17.52 8.29 7.38
C GLY A 94 -16.27 8.58 8.22
N ILE A 95 -16.34 9.62 9.03
CA ILE A 95 -15.22 9.99 9.89
C ILE A 95 -15.38 9.32 11.26
N ARG A 96 -14.38 8.51 11.63
CA ARG A 96 -14.43 7.80 12.90
C ARG A 96 -13.09 7.78 13.61
N TYR A 97 -13.17 7.79 14.94
CA TYR A 97 -11.98 7.68 15.77
C TYR A 97 -12.31 6.49 16.68
N ILE A 98 -11.48 5.46 16.63
CA ILE A 98 -11.70 4.29 17.47
C ILE A 98 -10.59 4.31 18.51
N GLY A 99 -10.97 4.63 19.74
CA GLY A 99 -10.02 4.70 20.81
C GLY A 99 -10.15 6.08 21.44
N LEU A 100 -9.29 6.37 22.41
CA LEU A 100 -9.32 7.67 23.08
C LEU A 100 -8.45 8.68 22.33
N PRO A 101 -9.05 9.75 21.79
CA PRO A 101 -8.26 10.74 21.07
C PRO A 101 -7.55 11.70 22.01
N ALA A 102 -6.70 11.16 22.87
CA ALA A 102 -5.94 11.98 23.82
C ALA A 102 -4.49 12.13 23.37
N GLY A 103 -3.66 12.74 24.21
CA GLY A 103 -2.28 12.93 23.83
C GLY A 103 -2.20 13.79 22.57
N LEU A 104 -1.34 13.41 21.64
CA LEU A 104 -1.19 14.17 20.41
C LEU A 104 -2.37 13.99 19.47
N GLU A 105 -3.24 13.04 19.78
CA GLU A 105 -4.42 12.82 18.94
C GLU A 105 -5.58 13.74 19.31
N PHE A 106 -5.42 14.50 20.38
CA PHE A 106 -6.46 15.43 20.78
C PHE A 106 -6.63 16.52 19.71
N THR A 107 -5.52 17.00 19.14
CA THR A 107 -5.65 18.03 18.11
C THR A 107 -6.33 17.38 16.89
N THR A 108 -6.09 16.09 16.70
CA THR A 108 -6.71 15.39 15.59
C THR A 108 -8.22 15.52 15.78
N LEU A 109 -8.68 15.25 17.00
CA LEU A 109 -10.09 15.36 17.32
C LEU A 109 -10.56 16.78 17.01
N ILE A 110 -9.91 17.75 17.63
CA ILE A 110 -10.26 19.14 17.43
C ILE A 110 -10.29 19.54 15.95
N ASN A 111 -9.25 19.18 15.20
CA ASN A 111 -9.23 19.51 13.78
C ASN A 111 -10.31 18.80 13.02
N GLY A 112 -10.69 17.62 13.47
CA GLY A 112 -11.75 16.89 12.78
C GLY A 112 -13.03 17.68 12.94
N ILE A 113 -13.30 18.07 14.17
CA ILE A 113 -14.50 18.86 14.49
C ILE A 113 -14.56 20.12 13.65
N PHE A 114 -13.46 20.87 13.60
CA PHE A 114 -13.42 22.11 12.84
C PHE A 114 -13.58 21.90 11.34
N HIS A 115 -12.86 20.94 10.79
CA HIS A 115 -12.95 20.67 9.36
C HIS A 115 -14.39 20.30 9.01
N VAL A 116 -15.01 19.47 9.84
CA VAL A 116 -16.39 19.06 9.59
C VAL A 116 -17.29 20.28 9.78
N SER A 117 -16.97 21.11 10.77
CA SER A 117 -17.77 22.30 11.03
C SER A 117 -17.70 23.20 9.82
N GLN A 118 -16.56 23.17 9.14
CA GLN A 118 -16.34 24.00 7.96
C GLN A 118 -16.91 23.38 6.71
N ARG A 119 -17.42 22.15 6.82
CA ARG A 119 -17.99 21.45 5.67
C ARG A 119 -16.97 21.44 4.54
N LYS A 120 -15.72 21.72 4.87
CA LYS A 120 -14.67 21.80 3.88
C LYS A 120 -13.38 21.08 4.28
N PRO A 121 -12.84 20.24 3.40
CA PRO A 121 -11.60 19.49 3.67
C PRO A 121 -10.38 20.32 3.27
N GLN A 122 -9.27 20.11 3.97
CA GLN A 122 -8.03 20.83 3.66
C GLN A 122 -7.23 20.07 2.59
N LEU A 123 -7.82 19.92 1.41
CA LEU A 123 -7.17 19.23 0.31
C LEU A 123 -7.14 20.16 -0.89
N SER A 124 -6.00 20.20 -1.57
CA SER A 124 -5.84 21.07 -2.73
C SER A 124 -6.96 20.87 -3.75
N GLU A 125 -7.09 21.82 -4.66
CA GLU A 125 -8.10 21.73 -5.70
C GLU A 125 -7.71 20.59 -6.62
N LYS A 126 -6.40 20.37 -6.76
CA LYS A 126 -5.90 19.31 -7.60
C LYS A 126 -6.45 17.99 -7.04
N THR A 127 -6.23 17.78 -5.75
CA THR A 127 -6.70 16.57 -5.07
C THR A 127 -8.22 16.38 -5.21
N LEU A 128 -8.98 17.40 -4.83
CA LEU A 128 -10.43 17.33 -4.91
C LEU A 128 -10.95 17.08 -6.30
N GLU A 129 -10.30 17.69 -7.29
CA GLU A 129 -10.68 17.52 -8.68
C GLU A 129 -10.56 16.07 -9.09
N LEU A 130 -9.45 15.45 -8.71
CA LEU A 130 -9.17 14.07 -9.05
C LEU A 130 -9.97 13.06 -8.23
N LEU A 131 -10.17 13.40 -6.96
CA LEU A 131 -10.88 12.53 -6.02
C LEU A 131 -12.35 12.31 -6.32
N GLN A 132 -13.00 13.32 -6.90
CA GLN A 132 -14.42 13.21 -7.20
C GLN A 132 -14.78 12.02 -8.07
N VAL A 133 -13.80 11.44 -8.75
CA VAL A 133 -14.06 10.30 -9.61
C VAL A 133 -14.34 9.04 -8.80
N VAL A 134 -13.79 8.99 -7.60
CA VAL A 134 -13.98 7.83 -6.73
C VAL A 134 -15.46 7.69 -6.41
N ASP A 135 -16.04 6.57 -6.84
CA ASP A 135 -17.46 6.31 -6.62
C ASP A 135 -17.73 4.87 -6.19
N ILE A 136 -16.69 4.20 -5.69
CA ILE A 136 -16.80 2.84 -5.19
C ILE A 136 -16.30 2.93 -3.75
N PRO A 137 -17.06 2.40 -2.79
CA PRO A 137 -16.65 2.47 -1.38
C PRO A 137 -15.21 2.06 -1.07
N ILE A 138 -14.48 3.00 -0.50
CA ILE A 138 -13.10 2.80 -0.11
C ILE A 138 -13.01 3.10 1.37
N GLU A 139 -12.46 2.16 2.12
CA GLU A 139 -12.32 2.32 3.57
C GLU A 139 -10.86 2.56 3.97
N ILE A 140 -10.64 3.59 4.78
CA ILE A 140 -9.31 3.93 5.23
C ILE A 140 -9.15 3.79 6.74
N TRP A 141 -8.11 3.08 7.15
CA TRP A 141 -7.81 2.89 8.55
C TRP A 141 -6.43 3.47 8.80
N VAL A 142 -6.34 4.30 9.83
CA VAL A 142 -5.05 4.87 10.18
C VAL A 142 -4.77 4.45 11.62
N PHE A 143 -3.82 3.54 11.78
CA PHE A 143 -3.46 3.06 13.11
C PHE A 143 -2.53 4.10 13.73
N VAL A 144 -2.83 4.47 14.96
CA VAL A 144 -2.04 5.49 15.66
C VAL A 144 -1.93 5.15 17.13
N THR A 145 -1.27 6.03 17.87
CA THR A 145 -1.11 5.91 19.31
C THR A 145 -1.15 7.36 19.75
N THR A 146 -1.40 7.61 21.04
CA THR A 146 -1.47 8.98 21.53
C THR A 146 -0.13 9.74 21.53
N SER A 147 0.98 9.02 21.44
CA SER A 147 2.29 9.67 21.45
C SER A 147 2.93 9.71 20.07
N CYS A 148 2.37 8.95 19.15
CA CYS A 148 2.88 8.92 17.79
C CYS A 148 2.97 10.33 17.23
N GLY A 149 4.18 10.77 16.90
CA GLY A 149 4.39 12.11 16.38
C GLY A 149 3.87 12.45 14.99
N TYR A 150 3.83 11.48 14.10
CA TYR A 150 3.36 11.77 12.74
C TYR A 150 1.93 11.34 12.47
N CYS A 151 1.33 10.67 13.44
CA CYS A 151 -0.04 10.21 13.28
C CYS A 151 -1.08 11.33 13.10
N PRO A 152 -1.03 12.36 13.96
CA PRO A 152 -2.00 13.46 13.85
C PRO A 152 -2.16 13.94 12.41
N SER A 153 -1.04 14.12 11.72
CA SER A 153 -1.07 14.58 10.34
C SER A 153 -1.78 13.56 9.43
N ALA A 154 -1.43 12.30 9.58
CA ALA A 154 -2.02 11.22 8.78
C ALA A 154 -3.50 11.04 9.11
N ALA A 155 -3.83 11.10 10.39
CA ALA A 155 -5.21 10.92 10.83
C ALA A 155 -6.12 12.00 10.26
N VAL A 156 -5.72 13.26 10.35
CA VAL A 156 -6.52 14.36 9.84
C VAL A 156 -6.64 14.29 8.31
N MET A 157 -5.57 13.88 7.64
CA MET A 157 -5.58 13.76 6.20
C MET A 157 -6.59 12.70 5.76
N ALA A 158 -6.61 11.57 6.46
CA ALA A 158 -7.54 10.50 6.14
C ALA A 158 -8.96 11.01 6.35
N TRP A 159 -9.18 11.72 7.44
CA TRP A 159 -10.50 12.28 7.73
C TRP A 159 -10.92 13.27 6.64
N ASP A 160 -9.98 14.09 6.17
CA ASP A 160 -10.32 15.07 5.12
C ASP A 160 -10.73 14.36 3.85
N PHE A 161 -10.06 13.25 3.53
CA PHE A 161 -10.41 12.50 2.33
C PHE A 161 -11.81 11.92 2.49
N ALA A 162 -12.16 11.50 3.69
CA ALA A 162 -13.49 10.95 3.93
C ALA A 162 -14.51 12.07 3.78
N LEU A 163 -14.17 13.24 4.31
CA LEU A 163 -15.04 14.42 4.25
C LEU A 163 -15.21 14.92 2.82
N ALA A 164 -14.22 14.65 1.98
CA ALA A 164 -14.25 15.09 0.59
C ALA A 164 -14.99 14.16 -0.33
N ASN A 165 -15.25 12.94 0.11
CA ASN A 165 -15.90 11.98 -0.77
C ASN A 165 -16.90 11.07 -0.03
N ASP A 166 -18.12 10.99 -0.55
CA ASP A 166 -19.16 10.17 0.08
C ASP A 166 -18.94 8.68 -0.01
N TYR A 167 -17.90 8.25 -0.72
CA TYR A 167 -17.62 6.82 -0.83
C TYR A 167 -16.43 6.45 0.03
N ILE A 168 -15.81 7.44 0.64
CA ILE A 168 -14.65 7.19 1.47
C ILE A 168 -14.95 7.26 2.97
N THR A 169 -14.54 6.21 3.68
CA THR A 169 -14.72 6.15 5.11
C THR A 169 -13.32 6.08 5.70
N SER A 170 -13.07 6.91 6.70
CA SER A 170 -11.76 6.96 7.34
C SER A 170 -11.85 6.75 8.83
N LYS A 171 -11.15 5.74 9.31
CA LYS A 171 -11.14 5.43 10.71
C LYS A 171 -9.74 5.50 11.28
N VAL A 172 -9.59 6.34 12.29
CA VAL A 172 -8.33 6.52 12.99
C VAL A 172 -8.48 5.56 14.17
N ILE A 173 -7.66 4.52 14.18
CA ILE A 173 -7.72 3.48 15.20
C ILE A 173 -6.49 3.43 16.07
N ASP A 174 -6.68 3.59 17.38
CA ASP A 174 -5.57 3.51 18.32
C ASP A 174 -5.10 2.06 18.35
N ALA A 175 -3.85 1.84 17.94
CA ALA A 175 -3.26 0.51 17.87
C ALA A 175 -3.05 -0.12 19.23
N SER A 176 -2.85 0.70 20.26
CA SER A 176 -2.64 0.19 21.62
C SER A 176 -3.93 -0.43 22.16
N GLU A 177 -5.05 0.22 21.89
CA GLU A 177 -6.35 -0.24 22.36
C GLU A 177 -6.93 -1.36 21.50
N ASN A 178 -6.47 -1.47 20.26
CA ASN A 178 -6.98 -2.50 19.36
C ASN A 178 -5.83 -3.36 18.84
N GLN A 179 -5.06 -3.89 19.77
CA GLN A 179 -3.90 -4.72 19.47
C GLN A 179 -4.23 -5.85 18.53
N ASP A 180 -5.42 -6.43 18.69
CA ASP A 180 -5.84 -7.52 17.82
C ASP A 180 -5.83 -7.04 16.37
N LEU A 181 -6.45 -5.89 16.09
CA LEU A 181 -6.45 -5.34 14.73
C LEU A 181 -5.04 -4.97 14.30
N ALA A 182 -4.28 -4.38 15.22
CA ALA A 182 -2.91 -3.98 14.95
C ALA A 182 -2.10 -5.19 14.48
N GLU A 183 -2.13 -6.25 15.29
CA GLU A 183 -1.41 -7.48 14.95
C GLU A 183 -1.86 -8.04 13.62
N GLN A 184 -3.17 -8.06 13.42
CA GLN A 184 -3.74 -8.59 12.19
C GLN A 184 -3.16 -7.89 10.97
N PHE A 185 -2.71 -6.65 11.13
CA PHE A 185 -2.14 -5.92 10.01
C PHE A 185 -0.69 -5.55 10.21
N GLN A 186 -0.03 -6.34 11.04
CA GLN A 186 1.39 -6.17 11.31
C GLN A 186 1.75 -4.72 11.60
N VAL A 187 0.91 -4.05 12.39
CA VAL A 187 1.18 -2.67 12.73
C VAL A 187 2.29 -2.62 13.76
N VAL A 188 3.38 -1.96 13.40
CA VAL A 188 4.51 -1.82 14.29
C VAL A 188 4.78 -0.33 14.38
N GLY A 189 5.31 0.23 13.30
CA GLY A 189 5.57 1.65 13.28
C GLY A 189 4.27 2.34 12.91
N VAL A 190 4.00 3.49 13.51
CA VAL A 190 2.78 4.22 13.22
C VAL A 190 3.16 5.63 12.77
N PRO A 191 2.29 6.29 12.00
CA PRO A 191 1.01 5.74 11.56
C PRO A 191 1.11 4.70 10.45
N LYS A 192 0.19 3.74 10.47
CA LYS A 192 0.15 2.76 9.40
C LYS A 192 -1.25 2.83 8.81
N ILE A 193 -1.30 3.08 7.50
CA ILE A 193 -2.55 3.20 6.78
C ILE A 193 -2.90 1.93 6.02
N VAL A 194 -4.13 1.46 6.22
CA VAL A 194 -4.61 0.26 5.57
C VAL A 194 -5.89 0.59 4.81
N ILE A 195 -5.93 0.24 3.53
CA ILE A 195 -7.10 0.53 2.72
C ILE A 195 -7.85 -0.75 2.39
N ASN A 196 -9.18 -0.68 2.49
CA ASN A 196 -10.05 -1.82 2.24
C ASN A 196 -9.57 -3.11 2.88
N LYS A 197 -9.25 -2.99 4.16
CA LYS A 197 -8.80 -4.11 4.98
C LYS A 197 -7.64 -4.91 4.43
N GLY A 198 -6.72 -4.27 3.72
CA GLY A 198 -5.58 -5.01 3.23
C GLY A 198 -5.30 -4.94 1.75
N VAL A 199 -6.20 -4.35 0.98
CA VAL A 199 -5.99 -4.22 -0.45
C VAL A 199 -4.66 -3.48 -0.67
N ALA A 200 -4.41 -2.48 0.16
CA ALA A 200 -3.19 -1.69 0.08
C ALA A 200 -2.84 -1.16 1.47
N GLU A 201 -1.57 -0.84 1.66
CA GLU A 201 -1.09 -0.31 2.93
C GLU A 201 0.14 0.53 2.66
N PHE A 202 0.39 1.46 3.57
CA PHE A 202 1.58 2.28 3.48
C PHE A 202 1.87 2.80 4.87
N VAL A 203 3.14 3.10 5.13
CA VAL A 203 3.55 3.56 6.44
C VAL A 203 3.95 5.03 6.50
N GLY A 204 3.61 5.66 7.62
CA GLY A 204 3.94 7.06 7.85
C GLY A 204 3.05 8.12 7.22
N ALA A 205 3.31 9.37 7.63
CA ALA A 205 2.58 10.52 7.10
C ALA A 205 2.91 10.60 5.62
N GLN A 206 1.96 11.04 4.82
CA GLN A 206 2.15 11.10 3.38
C GLN A 206 1.89 12.46 2.77
N PRO A 207 2.66 12.81 1.74
CA PRO A 207 2.38 14.11 1.14
C PRO A 207 0.98 13.90 0.55
N GLU A 208 0.10 14.89 0.71
CA GLU A 208 -1.27 14.78 0.21
C GLU A 208 -1.44 14.09 -1.15
N ASN A 209 -0.61 14.43 -2.11
CA ASN A 209 -0.73 13.83 -3.44
C ASN A 209 -0.39 12.34 -3.45
N ALA A 210 0.46 11.90 -2.52
CA ALA A 210 0.81 10.49 -2.44
C ALA A 210 -0.34 9.73 -1.79
N PHE A 211 -0.95 10.34 -0.78
CA PHE A 211 -2.08 9.72 -0.10
C PHE A 211 -3.20 9.59 -1.13
N LEU A 212 -3.40 10.64 -1.92
CA LEU A 212 -4.42 10.60 -2.97
C LEU A 212 -4.04 9.43 -3.88
N GLY A 213 -2.78 9.39 -4.28
CA GLY A 213 -2.29 8.34 -5.16
C GLY A 213 -2.67 6.93 -4.75
N TYR A 214 -2.55 6.63 -3.46
CA TYR A 214 -2.89 5.30 -2.96
C TYR A 214 -4.37 5.06 -3.15
N ILE A 215 -5.18 6.04 -2.73
CA ILE A 215 -6.61 5.94 -2.84
C ILE A 215 -7.00 5.72 -4.30
N MET A 216 -6.43 6.51 -5.20
CA MET A 216 -6.72 6.40 -6.63
C MET A 216 -6.26 5.08 -7.23
N ALA A 217 -5.15 4.54 -6.73
CA ALA A 217 -4.66 3.26 -7.24
C ALA A 217 -5.65 2.17 -6.81
N VAL A 218 -6.07 2.22 -5.56
CA VAL A 218 -7.02 1.23 -5.05
C VAL A 218 -8.32 1.34 -5.81
N TYR A 219 -8.75 2.58 -6.06
CA TYR A 219 -10.00 2.81 -6.77
C TYR A 219 -9.97 2.27 -8.21
N GLU A 220 -8.89 2.52 -8.93
CA GLU A 220 -8.81 2.05 -10.29
C GLU A 220 -8.93 0.54 -10.38
N LYS A 221 -8.35 -0.18 -9.42
CA LYS A 221 -8.45 -1.64 -9.44
C LYS A 221 -9.88 -2.05 -9.12
N LEU A 222 -10.49 -1.43 -8.11
CA LEU A 222 -11.86 -1.74 -7.74
C LEU A 222 -12.75 -1.43 -8.93
N LYS A 223 -12.45 -0.33 -9.62
CA LYS A 223 -13.26 0.07 -10.76
C LYS A 223 -13.28 -1.02 -11.81
N ARG A 224 -12.11 -1.43 -12.28
CA ARG A 224 -12.08 -2.47 -13.29
C ARG A 224 -12.69 -3.78 -12.84
N GLU A 225 -12.56 -4.12 -11.56
CA GLU A 225 -13.15 -5.36 -11.06
C GLU A 225 -14.67 -5.24 -11.15
N LYS A 226 -15.16 -4.02 -10.98
CA LYS A 226 -16.59 -3.73 -11.02
C LYS A 226 -17.09 -3.78 -12.46
N GLU A 227 -16.21 -3.44 -13.40
CA GLU A 227 -16.56 -3.45 -14.81
C GLU A 227 -16.53 -4.88 -15.32
N GLN A 228 -15.35 -5.52 -15.22
CA GLN A 228 -15.17 -6.89 -15.66
C GLN A 228 -16.28 -7.80 -15.16
N ALA A 229 -16.79 -7.51 -13.96
CA ALA A 229 -17.85 -8.31 -13.37
C ALA A 229 -19.20 -7.90 -13.97
N LEU A 230 -19.28 -7.98 -15.30
CA LEU A 230 -20.49 -7.64 -16.04
C LEU A 230 -20.51 -8.37 -17.37
N LEU B 2 13.32 -32.51 -18.69
CA LEU B 2 13.00 -31.82 -19.98
C LEU B 2 11.75 -30.94 -19.90
N LEU B 3 11.36 -30.42 -21.06
CA LEU B 3 10.17 -29.59 -21.23
C LEU B 3 9.51 -30.41 -22.33
N ASN B 4 8.25 -30.76 -22.16
CA ASN B 4 7.61 -31.55 -23.20
C ASN B 4 7.54 -30.78 -24.52
N LEU B 5 7.22 -31.49 -25.59
CA LEU B 5 7.13 -30.87 -26.91
C LEU B 5 6.12 -29.75 -26.96
N ASP B 6 4.95 -29.93 -26.35
CA ASP B 6 3.92 -28.89 -26.35
C ASP B 6 4.49 -27.57 -25.85
N VAL B 7 5.22 -27.63 -24.73
CA VAL B 7 5.83 -26.44 -24.15
C VAL B 7 6.97 -25.92 -25.02
N ARG B 8 7.85 -26.82 -25.43
CA ARG B 8 8.98 -26.44 -26.28
C ARG B 8 8.50 -25.78 -27.57
N MET B 9 7.45 -26.33 -28.18
CA MET B 9 6.92 -25.77 -29.41
C MET B 9 6.35 -24.38 -29.17
N GLN B 10 5.57 -24.24 -28.10
CA GLN B 10 4.99 -22.97 -27.76
C GLN B 10 6.12 -21.94 -27.53
N LEU B 11 7.19 -22.39 -26.87
CA LEU B 11 8.31 -21.50 -26.57
C LEU B 11 9.01 -21.06 -27.84
N LYS B 12 9.28 -21.99 -28.75
CA LYS B 12 9.95 -21.64 -29.99
C LYS B 12 9.09 -20.70 -30.83
N GLU B 13 7.81 -21.04 -30.97
CA GLU B 13 6.91 -20.21 -31.77
C GLU B 13 6.76 -18.84 -31.14
N LEU B 14 6.69 -18.78 -29.82
CA LEU B 14 6.56 -17.50 -29.13
C LEU B 14 7.85 -16.72 -29.30
N ALA B 15 8.97 -17.45 -29.26
CA ALA B 15 10.29 -16.83 -29.39
C ALA B 15 10.50 -16.18 -30.75
N GLN B 16 10.16 -16.88 -31.81
CA GLN B 16 10.34 -16.34 -33.17
C GLN B 16 9.44 -15.13 -33.43
N LYS B 17 8.42 -14.97 -32.61
CA LYS B 17 7.49 -13.87 -32.78
C LYS B 17 7.73 -12.74 -31.80
N GLU B 18 8.25 -13.06 -30.62
CA GLU B 18 8.47 -12.05 -29.60
C GLU B 18 9.92 -11.62 -29.43
N PHE B 19 10.85 -12.48 -29.81
CA PHE B 19 12.26 -12.16 -29.64
C PHE B 19 12.76 -11.08 -30.58
N LYS B 20 13.64 -10.24 -30.06
CA LYS B 20 14.22 -9.14 -30.82
C LYS B 20 15.71 -9.06 -30.49
N GLU B 21 16.05 -8.31 -29.45
CA GLU B 21 17.45 -8.14 -29.04
C GLU B 21 18.00 -9.28 -28.19
N PRO B 22 19.33 -9.43 -28.17
CA PRO B 22 19.99 -10.48 -27.39
C PRO B 22 19.64 -10.38 -25.92
N VAL B 23 19.48 -11.52 -25.27
CA VAL B 23 19.16 -11.53 -23.86
C VAL B 23 20.18 -12.37 -23.12
N SER B 24 20.51 -11.92 -21.91
CA SER B 24 21.46 -12.61 -21.07
C SER B 24 20.79 -13.03 -19.76
N ILE B 25 20.87 -14.31 -19.44
CA ILE B 25 20.29 -14.81 -18.21
C ILE B 25 21.42 -15.24 -17.30
N LYS B 26 21.37 -14.80 -16.05
CA LYS B 26 22.40 -15.18 -15.09
C LYS B 26 21.70 -15.83 -13.93
N LEU B 27 22.12 -17.04 -13.60
CA LEU B 27 21.53 -17.76 -12.49
C LEU B 27 22.54 -17.94 -11.38
N PHE B 28 22.15 -17.54 -10.17
CA PHE B 28 23.01 -17.71 -9.02
C PHE B 28 22.39 -18.85 -8.23
N SER B 29 23.14 -19.93 -8.07
CA SER B 29 22.67 -21.09 -7.31
C SER B 29 23.84 -21.78 -6.62
N GLN B 30 23.53 -22.73 -5.75
CA GLN B 30 24.56 -23.44 -5.02
C GLN B 30 24.27 -24.94 -4.90
N ALA B 31 25.33 -25.72 -4.73
CA ALA B 31 25.24 -27.16 -4.61
C ALA B 31 24.59 -27.62 -3.30
N ILE B 32 24.63 -26.77 -2.28
CA ILE B 32 24.06 -27.12 -0.98
C ILE B 32 23.22 -26.01 -0.36
N GLY B 33 22.17 -26.41 0.37
CA GLY B 33 21.31 -25.46 1.03
C GLY B 33 20.29 -24.72 0.19
N CYS B 34 19.90 -25.31 -0.95
CA CYS B 34 18.93 -24.68 -1.83
C CYS B 34 18.14 -25.77 -2.55
N GLU B 35 16.97 -26.07 -2.01
CA GLU B 35 16.10 -27.10 -2.55
C GLU B 35 15.86 -27.08 -4.07
N SER B 36 15.45 -25.93 -4.60
CA SER B 36 15.13 -25.82 -6.02
C SER B 36 16.24 -25.41 -6.99
N CYS B 37 17.45 -25.13 -6.50
CA CYS B 37 18.54 -24.72 -7.37
C CYS B 37 18.86 -25.65 -8.52
N GLN B 38 18.92 -26.94 -8.23
CA GLN B 38 19.24 -27.93 -9.25
C GLN B 38 18.21 -27.87 -10.37
N THR B 39 16.94 -27.88 -9.99
CA THR B 39 15.86 -27.85 -10.95
C THR B 39 15.90 -26.54 -11.74
N ALA B 40 16.22 -25.44 -11.05
CA ALA B 40 16.30 -24.13 -11.70
C ALA B 40 17.36 -24.15 -12.81
N GLU B 41 18.51 -24.73 -12.52
CA GLU B 41 19.57 -24.82 -13.52
C GLU B 41 19.10 -25.62 -14.73
N GLU B 42 18.47 -26.75 -14.46
CA GLU B 42 17.95 -27.59 -15.52
C GLU B 42 16.91 -26.82 -16.32
N LEU B 43 16.00 -26.15 -15.61
CA LEU B 43 14.95 -25.40 -16.28
C LEU B 43 15.55 -24.34 -17.18
N LEU B 44 16.48 -23.56 -16.64
CA LEU B 44 17.09 -22.49 -17.41
C LEU B 44 17.97 -22.96 -18.56
N LYS B 45 18.74 -24.02 -18.34
CA LYS B 45 19.60 -24.53 -19.41
C LYS B 45 18.74 -24.91 -20.60
N GLU B 46 17.68 -25.66 -20.32
CA GLU B 46 16.78 -26.11 -21.36
C GLU B 46 16.03 -24.96 -22.00
N THR B 47 15.54 -24.03 -21.17
CA THR B 47 14.81 -22.88 -21.67
C THR B 47 15.69 -22.09 -22.63
N VAL B 48 16.94 -21.87 -22.24
CA VAL B 48 17.90 -21.14 -23.07
C VAL B 48 18.21 -21.93 -24.34
N GLU B 49 18.32 -23.25 -24.21
CA GLU B 49 18.61 -24.09 -25.35
C GLU B 49 17.47 -24.02 -26.37
N VAL B 50 16.24 -24.21 -25.89
CA VAL B 50 15.07 -24.16 -26.76
C VAL B 50 14.93 -22.83 -27.49
N ILE B 51 15.04 -21.73 -26.76
CA ILE B 51 14.92 -20.42 -27.38
C ILE B 51 16.05 -20.24 -28.38
N GLY B 52 17.27 -20.58 -27.97
CA GLY B 52 18.41 -20.46 -28.86
C GLY B 52 18.23 -21.22 -30.17
N GLU B 53 17.62 -22.40 -30.11
CA GLU B 53 17.40 -23.20 -31.30
C GLU B 53 16.40 -22.49 -32.19
N ALA B 54 15.54 -21.67 -31.59
CA ALA B 54 14.51 -20.96 -32.33
C ALA B 54 14.95 -19.62 -32.90
N VAL B 55 15.92 -18.95 -32.29
CA VAL B 55 16.34 -17.64 -32.78
C VAL B 55 17.85 -17.47 -32.92
N GLY B 56 18.60 -18.49 -32.53
CA GLY B 56 20.05 -18.43 -32.61
C GLY B 56 20.67 -18.40 -31.23
N GLN B 57 21.61 -19.32 -30.96
CA GLN B 57 22.27 -19.37 -29.66
C GLN B 57 22.92 -18.03 -29.31
N ASP B 58 23.24 -17.27 -30.35
CA ASP B 58 23.89 -15.97 -30.19
C ASP B 58 22.94 -14.92 -29.61
N LYS B 59 21.65 -15.19 -29.65
CA LYS B 59 20.67 -14.23 -29.16
C LYS B 59 20.22 -14.43 -27.72
N ILE B 60 20.70 -15.49 -27.08
CA ILE B 60 20.35 -15.75 -25.71
C ILE B 60 21.40 -16.64 -25.06
N LYS B 61 21.85 -16.26 -23.87
CA LYS B 61 22.85 -17.05 -23.18
C LYS B 61 22.56 -17.16 -21.70
N LEU B 62 23.18 -18.16 -21.08
CA LEU B 62 22.99 -18.40 -19.67
C LEU B 62 24.34 -18.55 -18.99
N ASP B 63 24.45 -17.93 -17.82
CA ASP B 63 25.67 -18.03 -17.03
C ASP B 63 25.24 -18.41 -15.62
N ILE B 64 25.83 -19.45 -15.09
CA ILE B 64 25.49 -19.89 -13.75
C ILE B 64 26.66 -19.51 -12.84
N TYR B 65 26.33 -18.85 -11.73
CA TYR B 65 27.32 -18.41 -10.78
C TYR B 65 26.92 -18.89 -9.40
N SER B 66 27.84 -18.77 -8.46
CA SER B 66 27.59 -19.18 -7.10
C SER B 66 27.99 -18.06 -6.16
N PRO B 67 27.13 -17.73 -5.18
CA PRO B 67 27.41 -16.68 -4.22
C PRO B 67 28.70 -16.97 -3.47
N PHE B 68 29.16 -18.21 -3.54
CA PHE B 68 30.37 -18.63 -2.85
C PHE B 68 31.63 -18.46 -3.68
N THR B 69 31.53 -18.69 -4.98
CA THR B 69 32.69 -18.60 -5.86
C THR B 69 32.77 -17.41 -6.81
N HIS B 70 31.64 -16.73 -7.03
CA HIS B 70 31.64 -15.57 -7.93
C HIS B 70 31.27 -14.29 -7.18
N LYS B 71 32.25 -13.77 -6.45
CA LYS B 71 32.08 -12.56 -5.64
C LYS B 71 31.62 -11.35 -6.44
N GLU B 72 32.42 -10.95 -7.42
CA GLU B 72 32.09 -9.79 -8.24
C GLU B 72 30.67 -9.84 -8.79
N GLU B 73 30.29 -10.96 -9.38
CA GLU B 73 28.95 -11.10 -9.94
C GLU B 73 27.89 -11.07 -8.85
N THR B 74 28.12 -11.80 -7.77
CA THR B 74 27.15 -11.81 -6.68
C THR B 74 26.93 -10.40 -6.16
N GLU B 75 28.02 -9.66 -6.02
CA GLU B 75 27.97 -8.30 -5.53
C GLU B 75 27.34 -7.37 -6.57
N LYS B 76 27.76 -7.52 -7.83
CA LYS B 76 27.24 -6.69 -8.91
C LYS B 76 25.71 -6.74 -9.02
N TYR B 77 25.13 -7.91 -8.83
CA TYR B 77 23.69 -8.06 -8.94
C TYR B 77 22.96 -8.06 -7.60
N GLY B 78 23.69 -7.72 -6.53
CA GLY B 78 23.07 -7.67 -5.22
C GLY B 78 22.32 -8.94 -4.85
N VAL B 79 22.96 -10.08 -5.06
CA VAL B 79 22.35 -11.37 -4.76
C VAL B 79 22.65 -11.83 -3.34
N ASP B 80 21.59 -12.20 -2.62
CA ASP B 80 21.75 -12.68 -1.26
C ASP B 80 20.80 -13.83 -0.98
N ARG B 81 20.22 -14.37 -2.04
CA ARG B 81 19.29 -15.50 -1.98
C ARG B 81 19.43 -16.35 -3.23
N VAL B 82 19.06 -17.61 -3.12
CA VAL B 82 19.14 -18.51 -4.26
C VAL B 82 17.90 -19.41 -4.31
N PRO B 83 17.47 -19.79 -5.53
CA PRO B 83 18.16 -19.33 -6.74
C PRO B 83 17.70 -17.95 -7.14
N THR B 84 18.62 -17.16 -7.67
CA THR B 84 18.29 -15.84 -8.12
C THR B 84 18.58 -15.80 -9.59
N ILE B 85 17.57 -15.42 -10.36
CA ILE B 85 17.70 -15.35 -11.79
C ILE B 85 17.68 -13.89 -12.21
N VAL B 86 18.65 -13.53 -13.03
CA VAL B 86 18.77 -12.18 -13.54
C VAL B 86 18.48 -12.25 -15.03
N ILE B 87 17.50 -11.48 -15.48
CA ILE B 87 17.18 -11.41 -16.90
C ILE B 87 17.76 -10.07 -17.30
N GLU B 88 18.86 -10.12 -18.03
CA GLU B 88 19.58 -8.92 -18.44
C GLU B 88 19.55 -8.69 -19.94
N GLY B 89 19.84 -7.45 -20.33
CA GLY B 89 19.89 -7.09 -21.72
C GLY B 89 21.26 -6.47 -21.95
N ASP B 90 21.31 -5.25 -22.44
CA ASP B 90 22.58 -4.58 -22.65
C ASP B 90 23.13 -4.21 -21.28
N LYS B 91 22.23 -3.89 -20.36
CA LYS B 91 22.60 -3.55 -19.00
C LYS B 91 21.67 -4.31 -18.07
N ASP B 92 21.89 -4.17 -16.77
CA ASP B 92 21.06 -4.82 -15.77
C ASP B 92 19.92 -3.87 -15.48
N TYR B 93 18.68 -4.33 -15.68
CA TYR B 93 17.52 -3.49 -15.44
C TYR B 93 16.95 -3.66 -14.04
N GLY B 94 17.60 -4.48 -13.23
CA GLY B 94 17.12 -4.71 -11.88
C GLY B 94 16.02 -5.77 -11.85
N ILE B 95 15.95 -6.55 -12.92
CA ILE B 95 14.96 -7.62 -13.03
C ILE B 95 15.47 -8.89 -12.36
N ARG B 96 14.71 -9.39 -11.40
CA ARG B 96 15.10 -10.57 -10.65
C ARG B 96 13.99 -11.55 -10.38
N TYR B 97 14.35 -12.82 -10.34
CA TYR B 97 13.41 -13.88 -10.00
C TYR B 97 14.13 -14.68 -8.93
N ILE B 98 13.50 -14.80 -7.76
CA ILE B 98 14.09 -15.54 -6.67
C ILE B 98 13.21 -16.77 -6.40
N GLY B 99 13.73 -17.91 -6.82
CA GLY B 99 13.01 -19.16 -6.68
C GLY B 99 12.97 -19.86 -8.02
N LEU B 100 12.19 -20.94 -8.09
CA LEU B 100 12.08 -21.71 -9.33
C LEU B 100 10.86 -21.22 -10.11
N PRO B 101 11.09 -20.63 -11.29
CA PRO B 101 9.97 -20.15 -12.10
C PRO B 101 9.28 -21.30 -12.83
N ALA B 102 8.74 -22.23 -12.05
CA ALA B 102 8.03 -23.39 -12.58
C ALA B 102 6.54 -23.16 -12.44
N GLY B 103 5.76 -24.19 -12.77
CA GLY B 103 4.32 -24.07 -12.66
C GLY B 103 3.85 -22.90 -13.48
N LEU B 104 2.83 -22.20 -13.01
CA LEU B 104 2.28 -21.07 -13.73
C LEU B 104 3.26 -19.90 -13.85
N GLU B 105 4.34 -19.93 -13.05
CA GLU B 105 5.35 -18.87 -13.09
C GLU B 105 6.33 -19.00 -14.24
N PHE B 106 6.25 -20.11 -14.97
CA PHE B 106 7.15 -20.30 -16.10
C PHE B 106 6.80 -19.27 -17.15
N THR B 107 5.54 -18.86 -17.16
CA THR B 107 5.04 -17.86 -18.08
C THR B 107 5.73 -16.54 -17.74
N THR B 108 5.91 -16.31 -16.44
CA THR B 108 6.57 -15.10 -15.95
C THR B 108 7.99 -15.03 -16.48
N LEU B 109 8.74 -16.10 -16.28
CA LEU B 109 10.12 -16.18 -16.75
C LEU B 109 10.20 -15.91 -18.26
N ILE B 110 9.43 -16.66 -19.04
CA ILE B 110 9.45 -16.49 -20.49
C ILE B 110 9.09 -15.07 -20.93
N ASN B 111 8.01 -14.52 -20.36
CA ASN B 111 7.61 -13.17 -20.74
C ASN B 111 8.66 -12.15 -20.35
N GLY B 112 9.27 -12.34 -19.18
CA GLY B 112 10.32 -11.43 -18.76
C GLY B 112 11.41 -11.44 -19.82
N ILE B 113 11.83 -12.64 -20.21
CA ILE B 113 12.86 -12.79 -21.23
C ILE B 113 12.49 -12.02 -22.50
N PHE B 114 11.24 -12.15 -22.92
CA PHE B 114 10.77 -11.47 -24.12
C PHE B 114 10.72 -9.95 -24.01
N HIS B 115 10.24 -9.42 -22.88
CA HIS B 115 10.17 -7.97 -22.71
C HIS B 115 11.57 -7.40 -22.69
N VAL B 116 12.48 -8.10 -22.02
CA VAL B 116 13.86 -7.65 -21.94
C VAL B 116 14.47 -7.72 -23.34
N SER B 117 14.16 -8.79 -24.06
CA SER B 117 14.65 -8.97 -25.41
C SER B 117 14.21 -7.81 -26.30
N GLN B 118 12.97 -7.39 -26.12
CA GLN B 118 12.41 -6.31 -26.90
C GLN B 118 12.98 -4.95 -26.54
N ARG B 119 13.64 -4.86 -25.38
CA ARG B 119 14.23 -3.60 -24.92
C ARG B 119 13.18 -2.57 -24.52
N LYS B 120 11.98 -2.72 -25.08
CA LYS B 120 10.89 -1.79 -24.79
C LYS B 120 9.93 -2.38 -23.75
N PRO B 121 9.51 -1.56 -22.78
CA PRO B 121 8.58 -2.03 -21.75
C PRO B 121 7.15 -2.00 -22.26
N GLN B 122 6.37 -3.01 -21.90
CA GLN B 122 4.97 -3.07 -22.32
C GLN B 122 4.16 -2.10 -21.47
N LEU B 123 4.59 -0.85 -21.40
CA LEU B 123 3.90 0.15 -20.61
C LEU B 123 3.43 1.27 -21.54
N SER B 124 2.21 1.75 -21.33
CA SER B 124 1.66 2.82 -22.15
C SER B 124 2.57 4.03 -22.16
N GLU B 125 2.42 4.87 -23.17
CA GLU B 125 3.25 6.06 -23.28
C GLU B 125 2.95 6.97 -22.10
N LYS B 126 1.70 6.93 -21.65
CA LYS B 126 1.27 7.75 -20.52
C LYS B 126 2.07 7.40 -19.27
N THR B 127 2.18 6.09 -19.02
CA THR B 127 2.92 5.58 -17.87
C THR B 127 4.38 6.01 -17.93
N LEU B 128 5.03 5.76 -19.06
CA LEU B 128 6.44 6.14 -19.19
C LEU B 128 6.60 7.63 -19.01
N GLU B 129 5.63 8.39 -19.51
CA GLU B 129 5.65 9.83 -19.42
C GLU B 129 5.81 10.27 -17.96
N LEU B 130 5.03 9.65 -17.08
CA LEU B 130 5.07 9.98 -15.66
C LEU B 130 6.15 9.23 -14.88
N LEU B 131 6.45 8.02 -15.32
CA LEU B 131 7.47 7.20 -14.66
C LEU B 131 8.90 7.75 -14.76
N GLN B 132 9.17 8.54 -15.79
CA GLN B 132 10.51 9.09 -15.96
C GLN B 132 10.88 10.02 -14.81
N VAL B 133 9.88 10.45 -14.04
CA VAL B 133 10.11 11.33 -12.91
C VAL B 133 10.88 10.61 -11.79
N VAL B 134 10.67 9.31 -11.67
CA VAL B 134 11.30 8.50 -10.63
C VAL B 134 12.83 8.47 -10.71
N ASP B 135 13.47 9.14 -9.76
CA ASP B 135 14.93 9.19 -9.73
C ASP B 135 15.47 8.89 -8.34
N ILE B 136 14.68 8.14 -7.57
CA ILE B 136 15.08 7.70 -6.25
C ILE B 136 14.92 6.20 -6.32
N PRO B 137 15.94 5.45 -5.89
CA PRO B 137 15.80 3.98 -5.98
C PRO B 137 14.52 3.45 -5.34
N ILE B 138 13.74 2.71 -6.13
CA ILE B 138 12.52 2.11 -5.65
C ILE B 138 12.68 0.61 -5.91
N GLU B 139 12.42 -0.19 -4.88
CA GLU B 139 12.55 -1.62 -5.00
C GLU B 139 11.19 -2.30 -4.90
N ILE B 140 10.86 -3.07 -5.92
CA ILE B 140 9.59 -3.78 -5.93
C ILE B 140 9.74 -5.29 -5.74
N TRP B 141 9.00 -5.83 -4.78
CA TRP B 141 9.01 -7.27 -4.54
C TRP B 141 7.63 -7.79 -4.83
N VAL B 142 7.55 -8.81 -5.67
CA VAL B 142 6.27 -9.41 -5.97
C VAL B 142 6.34 -10.83 -5.44
N PHE B 143 5.60 -11.09 -4.38
CA PHE B 143 5.57 -12.42 -3.78
C PHE B 143 4.60 -13.28 -4.55
N VAL B 144 5.06 -14.44 -5.00
CA VAL B 144 4.23 -15.33 -5.79
C VAL B 144 4.38 -16.79 -5.37
N THR B 145 3.55 -17.63 -5.97
CA THR B 145 3.60 -19.08 -5.76
C THR B 145 3.38 -19.63 -7.16
N THR B 146 3.95 -20.79 -7.44
CA THR B 146 3.84 -21.40 -8.74
C THR B 146 2.42 -21.76 -9.15
N SER B 147 1.50 -21.74 -8.20
CA SER B 147 0.11 -22.07 -8.50
C SER B 147 -0.84 -20.88 -8.41
N CYS B 148 -0.30 -19.67 -8.46
CA CYS B 148 -1.11 -18.46 -8.39
C CYS B 148 -1.33 -17.89 -9.78
N GLY B 149 -2.56 -18.05 -10.26
CA GLY B 149 -2.92 -17.58 -11.59
C GLY B 149 -2.73 -16.12 -11.93
N TYR B 150 -2.99 -15.24 -10.97
CA TYR B 150 -2.84 -13.81 -11.21
C TYR B 150 -1.44 -13.29 -10.99
N CYS B 151 -0.55 -14.15 -10.51
CA CYS B 151 0.81 -13.72 -10.25
C CYS B 151 1.62 -13.37 -11.49
N PRO B 152 1.50 -14.16 -12.56
CA PRO B 152 2.29 -13.80 -13.75
C PRO B 152 2.06 -12.36 -14.19
N SER B 153 0.82 -11.89 -14.05
CA SER B 153 0.48 -10.53 -14.41
C SER B 153 1.23 -9.50 -13.57
N ALA B 154 1.15 -9.65 -12.25
CA ALA B 154 1.84 -8.73 -11.35
C ALA B 154 3.35 -8.83 -11.48
N ALA B 155 3.86 -10.06 -11.52
CA ALA B 155 5.30 -10.30 -11.64
C ALA B 155 5.88 -9.63 -12.88
N VAL B 156 5.30 -9.92 -14.04
CA VAL B 156 5.80 -9.31 -15.27
C VAL B 156 5.65 -7.79 -15.27
N MET B 157 4.53 -7.29 -14.72
CA MET B 157 4.33 -5.86 -14.68
C MET B 157 5.48 -5.20 -13.90
N ALA B 158 5.79 -5.78 -12.74
CA ALA B 158 6.86 -5.26 -11.90
C ALA B 158 8.13 -5.21 -12.74
N TRP B 159 8.45 -6.30 -13.43
CA TRP B 159 9.64 -6.32 -14.26
C TRP B 159 9.61 -5.25 -15.36
N ASP B 160 8.42 -4.91 -15.86
CA ASP B 160 8.33 -3.90 -16.89
C ASP B 160 8.74 -2.55 -16.32
N PHE B 161 8.25 -2.25 -15.12
CA PHE B 161 8.61 -0.99 -14.49
C PHE B 161 10.11 -0.95 -14.19
N ALA B 162 10.67 -2.09 -13.82
CA ALA B 162 12.10 -2.15 -13.53
C ALA B 162 12.85 -1.90 -14.83
N LEU B 163 12.33 -2.48 -15.90
CA LEU B 163 12.93 -2.35 -17.22
C LEU B 163 12.89 -0.90 -17.71
N ALA B 164 11.76 -0.25 -17.45
CA ALA B 164 11.53 1.12 -17.89
C ALA B 164 12.21 2.25 -17.13
N ASN B 165 12.77 1.96 -15.96
CA ASN B 165 13.41 3.00 -15.16
C ASN B 165 14.61 2.46 -14.39
N ASP B 166 15.77 3.07 -14.63
CA ASP B 166 17.00 2.64 -14.00
C ASP B 166 17.06 2.75 -12.48
N TYR B 167 16.05 3.36 -11.87
CA TYR B 167 16.03 3.48 -10.41
C TYR B 167 15.14 2.42 -9.80
N ILE B 168 14.42 1.70 -10.64
CA ILE B 168 13.52 0.66 -10.18
C ILE B 168 14.09 -0.75 -10.33
N THR B 169 14.02 -1.50 -9.23
CA THR B 169 14.49 -2.88 -9.20
C THR B 169 13.25 -3.70 -8.86
N SER B 170 12.98 -4.72 -9.66
CA SER B 170 11.82 -5.56 -9.44
C SER B 170 12.19 -7.02 -9.21
N LYS B 171 11.84 -7.53 -8.05
CA LYS B 171 12.16 -8.90 -7.70
C LYS B 171 10.91 -9.74 -7.51
N VAL B 172 10.79 -10.81 -8.30
CA VAL B 172 9.67 -11.71 -8.18
C VAL B 172 10.15 -12.83 -7.28
N ILE B 173 9.56 -12.91 -6.10
CA ILE B 173 9.97 -13.87 -5.09
C ILE B 173 8.97 -14.97 -4.76
N ASP B 174 9.41 -16.22 -4.86
CA ASP B 174 8.54 -17.33 -4.53
C ASP B 174 8.40 -17.35 -3.00
N ALA B 175 7.18 -17.14 -2.53
CA ALA B 175 6.89 -17.10 -1.11
C ALA B 175 7.13 -18.45 -0.42
N SER B 176 6.92 -19.55 -1.14
CA SER B 176 7.12 -20.89 -0.59
C SER B 176 8.58 -21.13 -0.22
N GLU B 177 9.46 -20.83 -1.18
CA GLU B 177 10.89 -21.01 -1.00
C GLU B 177 11.50 -19.95 -0.10
N ASN B 178 10.79 -18.85 0.11
CA ASN B 178 11.29 -17.77 0.95
C ASN B 178 10.29 -17.43 2.05
N GLN B 179 9.93 -18.44 2.84
CA GLN B 179 8.98 -18.30 3.93
C GLN B 179 9.36 -17.22 4.95
N ASP B 180 10.65 -17.09 5.22
CA ASP B 180 11.11 -16.08 6.17
C ASP B 180 10.66 -14.70 5.72
N LEU B 181 10.92 -14.35 4.46
CA LEU B 181 10.50 -13.06 3.94
C LEU B 181 8.98 -12.97 3.91
N ALA B 182 8.34 -14.06 3.48
CA ALA B 182 6.89 -14.11 3.40
C ALA B 182 6.28 -13.75 4.75
N GLU B 183 6.74 -14.44 5.79
CA GLU B 183 6.27 -14.20 7.16
C GLU B 183 6.50 -12.73 7.51
N GLN B 184 7.71 -12.28 7.25
CA GLN B 184 8.13 -10.90 7.53
C GLN B 184 7.11 -9.89 7.03
N PHE B 185 6.41 -10.22 5.95
CA PHE B 185 5.40 -9.30 5.42
C PHE B 185 4.03 -9.94 5.36
N GLN B 186 3.80 -10.89 6.26
CA GLN B 186 2.54 -11.61 6.34
C GLN B 186 1.93 -11.81 4.96
N VAL B 187 2.71 -12.46 4.09
CA VAL B 187 2.28 -12.76 2.74
C VAL B 187 1.45 -14.03 2.79
N VAL B 188 0.14 -13.90 2.54
CA VAL B 188 -0.73 -15.06 2.52
C VAL B 188 -1.36 -15.13 1.12
N GLY B 189 -2.12 -14.10 0.78
CA GLY B 189 -2.72 -14.06 -0.54
C GLY B 189 -1.68 -13.53 -1.53
N VAL B 190 -1.62 -14.12 -2.71
CA VAL B 190 -0.67 -13.70 -3.73
C VAL B 190 -1.38 -13.36 -5.04
N PRO B 191 -0.80 -12.48 -5.85
CA PRO B 191 0.49 -11.81 -5.57
C PRO B 191 0.41 -10.73 -4.52
N LYS B 192 1.46 -10.64 -3.73
CA LYS B 192 1.58 -9.62 -2.70
C LYS B 192 2.75 -8.75 -3.14
N ILE B 193 2.49 -7.46 -3.35
CA ILE B 193 3.55 -6.56 -3.77
C ILE B 193 4.00 -5.70 -2.61
N VAL B 194 5.30 -5.69 -2.38
CA VAL B 194 5.90 -4.92 -1.33
C VAL B 194 6.87 -3.94 -1.97
N ILE B 195 6.82 -2.68 -1.57
CA ILE B 195 7.72 -1.68 -2.13
C ILE B 195 8.61 -1.12 -1.03
N ASN B 196 9.89 -1.04 -1.34
CA ASN B 196 10.91 -0.55 -0.41
C ASN B 196 10.75 -1.15 0.97
N LYS B 197 10.54 -2.46 0.98
CA LYS B 197 10.42 -3.25 2.19
C LYS B 197 9.38 -2.82 3.23
N GLY B 198 8.24 -2.31 2.78
CA GLY B 198 7.21 -1.93 3.73
C GLY B 198 6.70 -0.51 3.60
N VAL B 199 7.36 0.32 2.81
CA VAL B 199 6.92 1.69 2.64
C VAL B 199 5.47 1.64 2.19
N ALA B 200 5.17 0.70 1.30
CA ALA B 200 3.83 0.49 0.79
C ALA B 200 3.67 -0.96 0.36
N GLU B 201 2.44 -1.45 0.41
CA GLU B 201 2.14 -2.83 0.04
C GLU B 201 0.75 -2.86 -0.55
N PHE B 202 0.55 -3.76 -1.51
CA PHE B 202 -0.78 -3.93 -2.08
C PHE B 202 -0.91 -5.35 -2.55
N VAL B 203 -2.16 -5.81 -2.69
CA VAL B 203 -2.40 -7.18 -3.09
C VAL B 203 -3.08 -7.35 -4.44
N GLY B 204 -2.66 -8.38 -5.17
CA GLY B 204 -3.26 -8.69 -6.45
C GLY B 204 -2.76 -8.01 -7.70
N ALA B 205 -3.14 -8.58 -8.85
CA ALA B 205 -2.77 -8.03 -10.14
C ALA B 205 -3.34 -6.62 -10.16
N GLN B 206 -2.72 -5.74 -10.92
CA GLN B 206 -3.18 -4.36 -10.96
C GLN B 206 -3.31 -3.83 -12.37
N PRO B 207 -4.21 -2.87 -12.57
CA PRO B 207 -4.32 -2.31 -13.91
C PRO B 207 -3.00 -1.52 -13.97
N GLU B 208 -2.40 -1.42 -15.14
CA GLU B 208 -1.12 -0.70 -15.26
C GLU B 208 -1.10 0.64 -14.52
N ASN B 209 -2.14 1.44 -14.73
CA ASN B 209 -2.20 2.75 -14.10
C ASN B 209 -2.23 2.67 -12.57
N ALA B 210 -2.83 1.61 -12.03
CA ALA B 210 -2.90 1.44 -10.58
C ALA B 210 -1.50 1.14 -10.02
N PHE B 211 -0.79 0.25 -10.69
CA PHE B 211 0.56 -0.13 -10.28
C PHE B 211 1.44 1.13 -10.28
N LEU B 212 1.44 1.83 -11.41
CA LEU B 212 2.19 3.07 -11.54
C LEU B 212 1.78 4.00 -10.41
N GLY B 213 0.48 4.03 -10.14
CA GLY B 213 -0.05 4.87 -9.07
C GLY B 213 0.68 4.57 -7.77
N TYR B 214 0.78 3.29 -7.43
CA TYR B 214 1.47 2.90 -6.21
C TYR B 214 2.92 3.37 -6.24
N ILE B 215 3.61 3.09 -7.34
CA ILE B 215 5.00 3.49 -7.50
C ILE B 215 5.20 4.99 -7.34
N MET B 216 4.32 5.79 -7.94
CA MET B 216 4.45 7.24 -7.84
C MET B 216 4.15 7.76 -6.44
N ALA B 217 3.26 7.07 -5.72
CA ALA B 217 2.93 7.49 -4.37
C ALA B 217 4.16 7.27 -3.48
N VAL B 218 4.81 6.13 -3.65
CA VAL B 218 6.00 5.85 -2.87
C VAL B 218 7.08 6.86 -3.25
N TYR B 219 7.22 7.12 -4.55
CA TYR B 219 8.22 8.07 -5.00
C TYR B 219 8.06 9.42 -4.30
N GLU B 220 6.87 10.00 -4.40
CA GLU B 220 6.62 11.29 -3.81
C GLU B 220 6.94 11.28 -2.32
N LYS B 221 6.56 10.20 -1.65
CA LYS B 221 6.82 10.05 -0.23
C LYS B 221 8.32 10.08 0.04
N LEU B 222 9.07 9.24 -0.69
CA LEU B 222 10.52 9.17 -0.51
C LEU B 222 11.22 10.48 -0.85
N LYS B 223 10.74 11.17 -1.89
CA LYS B 223 11.33 12.43 -2.30
C LYS B 223 11.17 13.49 -1.23
N ARG B 224 10.04 13.46 -0.54
CA ARG B 224 9.74 14.44 0.48
C ARG B 224 10.22 14.10 1.88
N GLU B 225 10.39 12.82 2.19
CA GLU B 225 10.83 12.43 3.53
C GLU B 225 12.23 12.94 3.86
N LYS B 226 12.98 13.29 2.83
CA LYS B 226 14.32 13.82 3.03
C LYS B 226 14.20 15.22 3.62
N GLU B 227 13.29 16.00 3.06
CA GLU B 227 13.04 17.36 3.51
C GLU B 227 12.65 17.44 4.99
N GLN B 228 13.14 18.49 5.64
CA GLN B 228 12.88 18.75 7.05
C GLN B 228 11.80 19.80 7.21
N ALA B 229 11.13 19.81 8.36
CA ALA B 229 10.09 20.79 8.61
C ALA B 229 10.29 21.36 10.01
N LEU B 230 9.63 22.47 10.30
CA LEU B 230 9.79 23.09 11.61
C LEU B 230 8.58 23.05 12.54
N GLU B 231 8.83 23.39 13.80
CA GLU B 231 7.86 23.43 14.90
C GLU B 231 6.40 23.27 14.50
S SO4 C . 1.60 18.24 1.37
O1 SO4 C . 2.66 18.78 2.25
O2 SO4 C . 0.67 17.43 2.19
O3 SO4 C . 0.87 19.35 0.73
O4 SO4 C . 2.22 17.40 0.34
S SO4 D . -4.08 -2.83 -17.99
O1 SO4 D . -2.78 -2.97 -17.30
O2 SO4 D . -4.84 -4.07 -17.81
O3 SO4 D . -4.82 -1.68 -17.42
O4 SO4 D . -3.84 -2.59 -19.43
C1 GOL E . -12.53 -0.87 12.06
O1 GOL E . -13.58 -0.96 10.83
C2 GOL E . -13.06 -1.49 13.22
O2 GOL E . -14.40 -1.31 13.29
C3 GOL E . -12.73 -2.84 13.23
O3 GOL E . -13.63 -3.67 12.19
C1 GOL F . -21.89 -3.47 27.99
O1 GOL F . -22.98 -2.28 28.20
C2 GOL F . -21.35 -3.82 29.24
O2 GOL F . -20.59 -2.83 29.73
C3 GOL F . -20.60 -4.99 29.08
O3 GOL F . -19.27 -4.69 28.22
C1 GOL G . 5.12 7.26 19.91
O1 GOL G . 6.55 7.81 20.37
C2 GOL G . 5.17 5.90 19.60
O2 GOL G . 4.98 5.71 18.29
C3 GOL G . 4.18 5.24 20.32
O3 GOL G . 3.95 3.76 19.71
C1 GOL H . 15.48 -9.84 0.36
O1 GOL H . 16.83 -10.59 0.82
C2 GOL H . 15.61 -9.35 -0.95
O2 GOL H . 16.76 -8.66 -1.11
C3 GOL H . 15.50 -10.40 -1.87
O3 GOL H . 16.95 -10.96 -2.26
#